data_1IL3
#
_entry.id   1IL3
#
_cell.length_a   42.770
_cell.length_b   68.270
_cell.length_c   49.930
_cell.angle_alpha   90.00
_cell.angle_beta   112.90
_cell.angle_gamma   90.00
#
_symmetry.space_group_name_H-M   'P 1 21 1'
#
loop_
_entity.id
_entity.type
_entity.pdbx_description
1 polymer 'RICIN A CHAIN'
2 non-polymer 7-DEAZAGUANINE
3 water water
#
_entity_poly.entity_id   1
_entity_poly.type   'polypeptide(L)'
_entity_poly.pdbx_seq_one_letter_code
;IFPKQYPIINFTTAGATVQSYTNFIRAVRGRLTTGADVRHEIPVLPNRVGLPINQRFILVELSNHAELSVTLALDVTNAY
VVGYRAGNSAYFFHPDNQEDAEAITHLFTDVQNRYTFAFGGNYDRLEQLAGNLRENIELGNGPLEEAISALYYYSTGGTQ
LPTLARSFIICIQMISEAARFQYIEGEMRTRIRYNRRSAPDPSVITLENSWGRLSTAIQESNQGAFASPIQLQRRNGSKF
SVYDVSILIPIIALMVYRCAPPPSSQF
;
_entity_poly.pdbx_strand_id   A
#
loop_
_chem_comp.id
_chem_comp.type
_chem_comp.name
_chem_comp.formula
7DG non-polymer 7-DEAZAGUANINE 'C6 H6 N4 O'
#
# COMPACT_ATOMS: atom_id res chain seq x y z
N ILE A 1 -22.77 2.39 16.69
CA ILE A 1 -21.56 2.66 15.88
C ILE A 1 -20.34 2.56 16.78
N PHE A 2 -19.20 2.21 16.22
CA PHE A 2 -17.95 2.11 16.99
C PHE A 2 -17.47 3.56 17.12
N PRO A 3 -16.87 3.92 18.27
CA PRO A 3 -16.37 5.29 18.48
C PRO A 3 -15.53 5.82 17.32
N LYS A 4 -16.20 6.54 16.42
CA LYS A 4 -15.58 7.13 15.23
C LYS A 4 -15.12 6.10 14.21
N GLN A 5 -15.96 5.87 13.20
CA GLN A 5 -15.62 4.93 12.14
C GLN A 5 -14.45 5.50 11.36
N TYR A 6 -13.42 4.70 11.14
CA TYR A 6 -12.25 5.14 10.39
C TYR A 6 -12.70 5.57 9.00
N PRO A 7 -11.99 6.56 8.41
CA PRO A 7 -12.36 7.05 7.06
C PRO A 7 -12.41 5.95 6.01
N ILE A 8 -13.53 5.87 5.31
CA ILE A 8 -13.74 4.86 4.27
C ILE A 8 -13.51 5.49 2.90
N ILE A 9 -12.72 4.82 2.05
CA ILE A 9 -12.45 5.31 0.71
C ILE A 9 -12.90 4.22 -0.26
N ASN A 10 -13.88 4.55 -1.10
CA ASN A 10 -14.43 3.59 -2.05
C ASN A 10 -13.75 3.63 -3.41
N PHE A 11 -13.87 2.52 -4.15
CA PHE A 11 -13.32 2.37 -5.48
C PHE A 11 -13.99 1.16 -6.11
N THR A 12 -14.11 1.17 -7.44
CA THR A 12 -14.73 0.07 -8.16
C THR A 12 -14.15 -0.12 -9.56
N THR A 13 -13.76 -1.36 -9.86
CA THR A 13 -13.18 -1.69 -11.14
C THR A 13 -14.22 -1.81 -12.26
N ALA A 14 -15.50 -1.70 -11.87
CA ALA A 14 -16.63 -1.81 -12.81
C ALA A 14 -16.43 -1.02 -14.10
N GLY A 15 -16.17 0.27 -13.98
CA GLY A 15 -15.95 1.10 -15.15
C GLY A 15 -14.79 2.01 -14.87
N ALA A 16 -13.68 1.41 -14.45
CA ALA A 16 -12.47 2.15 -14.12
C ALA A 16 -11.82 2.81 -15.32
N THR A 17 -11.44 4.06 -15.14
CA THR A 17 -10.77 4.86 -16.16
C THR A 17 -9.56 5.50 -15.49
N VAL A 18 -8.63 6.01 -16.29
CA VAL A 18 -7.42 6.64 -15.75
C VAL A 18 -7.81 7.73 -14.75
N GLN A 19 -8.84 8.49 -15.08
CA GLN A 19 -9.33 9.57 -14.22
C GLN A 19 -9.78 9.05 -12.86
N SER A 20 -10.72 8.11 -12.85
CA SER A 20 -11.23 7.54 -11.61
C SER A 20 -10.11 6.96 -10.74
N TYR A 21 -9.15 6.29 -11.38
CA TYR A 21 -8.03 5.71 -10.66
C TYR A 21 -7.21 6.80 -9.98
N THR A 22 -6.94 7.87 -10.71
CA THR A 22 -6.17 8.98 -10.18
C THR A 22 -6.88 9.53 -8.94
N ASN A 23 -8.19 9.70 -9.03
CA ASN A 23 -8.99 10.19 -7.91
C ASN A 23 -8.83 9.28 -6.71
N PHE A 24 -8.94 7.97 -6.96
CA PHE A 24 -8.79 6.95 -5.91
C PHE A 24 -7.47 7.14 -5.18
N ILE A 25 -6.37 7.17 -5.91
CA ILE A 25 -5.05 7.34 -5.32
C ILE A 25 -4.93 8.67 -4.56
N ARG A 26 -5.51 9.72 -5.13
CA ARG A 26 -5.46 11.04 -4.48
C ARG A 26 -6.01 10.94 -3.07
N ALA A 27 -7.24 10.42 -2.96
CA ALA A 27 -7.90 10.26 -1.67
C ALA A 27 -7.07 9.48 -0.67
N VAL A 28 -6.52 8.35 -1.12
CA VAL A 28 -5.69 7.51 -0.26
C VAL A 28 -4.53 8.30 0.30
N ARG A 29 -3.80 9.00 -0.58
CA ARG A 29 -2.66 9.82 -0.18
C ARG A 29 -3.08 10.89 0.82
N GLY A 30 -4.20 11.56 0.51
CA GLY A 30 -4.71 12.62 1.35
C GLY A 30 -5.25 12.15 2.69
N ARG A 31 -5.43 10.84 2.84
CA ARG A 31 -5.95 10.27 4.08
C ARG A 31 -4.82 9.75 4.96
N LEU A 32 -3.67 9.48 4.36
CA LEU A 32 -2.51 8.98 5.10
C LEU A 32 -1.63 10.08 5.66
N THR A 33 -1.16 10.98 4.79
CA THR A 33 -0.30 12.07 5.22
C THR A 33 -1.01 13.07 6.11
N THR A 34 -0.33 13.49 7.17
CA THR A 34 -0.87 14.46 8.12
C THR A 34 -1.07 15.82 7.46
N GLY A 35 -0.40 16.03 6.34
CA GLY A 35 -0.48 17.30 5.64
C GLY A 35 0.81 18.03 5.95
N ALA A 36 1.04 18.27 7.24
CA ALA A 36 2.25 18.94 7.70
C ALA A 36 3.33 17.86 7.77
N ASP A 37 4.50 18.23 8.28
CA ASP A 37 5.63 17.31 8.40
C ASP A 37 6.09 16.85 7.01
N VAL A 38 6.74 17.75 6.30
CA VAL A 38 7.24 17.47 4.96
C VAL A 38 8.74 17.69 4.89
N ARG A 39 9.48 16.70 4.39
CA ARG A 39 10.92 16.83 4.27
C ARG A 39 11.28 16.98 2.80
N HIS A 40 11.95 18.07 2.48
CA HIS A 40 12.38 18.35 1.10
C HIS A 40 11.21 18.25 0.11
N GLU A 41 10.10 18.88 0.47
CA GLU A 41 8.89 18.91 -0.36
C GLU A 41 8.08 17.61 -0.40
N ILE A 42 8.58 16.57 0.27
CA ILE A 42 7.89 15.28 0.29
C ILE A 42 7.24 15.02 1.65
N PRO A 43 5.90 14.82 1.66
CA PRO A 43 5.13 14.55 2.88
C PRO A 43 5.55 13.26 3.59
N VAL A 44 5.60 13.31 4.91
CA VAL A 44 5.99 12.15 5.71
C VAL A 44 4.77 11.60 6.46
N LEU A 45 4.69 10.28 6.55
CA LEU A 45 3.60 9.63 7.25
C LEU A 45 3.74 9.86 8.76
N PRO A 46 2.61 9.96 9.48
CA PRO A 46 2.64 10.18 10.93
C PRO A 46 3.36 9.10 11.73
N ASN A 47 4.05 9.53 12.79
CA ASN A 47 4.79 8.62 13.66
C ASN A 47 3.82 7.77 14.49
N ARG A 48 4.02 6.46 14.46
CA ARG A 48 3.18 5.52 15.19
C ARG A 48 3.16 5.71 16.70
N VAL A 49 4.29 6.08 17.28
CA VAL A 49 4.44 6.29 18.71
C VAL A 49 3.32 7.11 19.37
N GLY A 50 3.11 8.33 18.88
CA GLY A 50 2.08 9.17 19.46
C GLY A 50 0.79 9.20 18.67
N LEU A 51 0.49 8.13 17.95
CA LEU A 51 -0.72 8.07 17.14
C LEU A 51 -1.83 7.30 17.86
N PRO A 52 -2.93 7.98 18.21
CA PRO A 52 -4.04 7.33 18.89
C PRO A 52 -4.73 6.32 17.98
N ILE A 53 -5.23 5.23 18.57
CA ILE A 53 -5.91 4.17 17.84
C ILE A 53 -6.94 4.67 16.83
N ASN A 54 -7.70 5.69 17.22
CA ASN A 54 -8.73 6.27 16.34
C ASN A 54 -8.16 6.87 15.05
N GLN A 55 -6.93 7.37 15.10
CA GLN A 55 -6.30 7.95 13.92
C GLN A 55 -5.26 6.99 13.34
N ARG A 56 -5.42 5.71 13.64
CA ARG A 56 -4.46 4.70 13.19
C ARG A 56 -4.72 4.05 11.83
N PHE A 57 -5.98 3.79 11.48
CA PHE A 57 -6.27 3.11 10.21
C PHE A 57 -7.21 3.79 9.23
N ILE A 58 -7.05 3.42 7.96
CA ILE A 58 -7.86 3.92 6.85
C ILE A 58 -8.44 2.67 6.16
N LEU A 59 -9.73 2.70 5.87
CA LEU A 59 -10.40 1.58 5.23
C LEU A 59 -10.64 1.83 3.74
N VAL A 60 -10.19 0.89 2.92
CA VAL A 60 -10.36 0.97 1.47
C VAL A 60 -11.43 -0.02 1.02
N GLU A 61 -12.60 0.51 0.68
CA GLU A 61 -13.72 -0.31 0.24
C GLU A 61 -13.62 -0.57 -1.26
N LEU A 62 -13.38 -1.83 -1.61
CA LEU A 62 -13.24 -2.24 -3.00
C LEU A 62 -14.48 -2.98 -3.50
N SER A 63 -15.10 -2.43 -4.54
CA SER A 63 -16.28 -3.05 -5.13
C SER A 63 -15.88 -3.72 -6.43
N ASN A 64 -16.63 -4.74 -6.81
CA ASN A 64 -16.34 -5.48 -8.03
C ASN A 64 -17.46 -5.38 -9.05
N HIS A 65 -17.12 -5.61 -10.31
CA HIS A 65 -18.08 -5.53 -11.41
C HIS A 65 -19.20 -6.56 -11.31
N ALA A 66 -19.12 -7.45 -10.33
CA ALA A 66 -20.13 -8.49 -10.14
C ALA A 66 -20.80 -8.43 -8.76
N GLU A 67 -20.92 -7.21 -8.25
CA GLU A 67 -21.55 -6.94 -6.95
C GLU A 67 -20.86 -7.60 -5.75
N LEU A 68 -19.54 -7.48 -5.71
CA LEU A 68 -18.75 -8.05 -4.62
C LEU A 68 -18.01 -6.89 -3.96
N SER A 69 -17.73 -7.00 -2.67
CA SER A 69 -17.02 -5.94 -1.97
C SER A 69 -16.09 -6.48 -0.88
N VAL A 70 -14.90 -5.88 -0.82
CA VAL A 70 -13.88 -6.25 0.15
C VAL A 70 -13.35 -4.96 0.76
N THR A 71 -13.40 -4.87 2.09
CA THR A 71 -12.91 -3.67 2.77
C THR A 71 -11.52 -3.91 3.35
N LEU A 72 -10.51 -3.34 2.71
CA LEU A 72 -9.13 -3.46 3.16
C LEU A 72 -8.83 -2.51 4.31
N ALA A 73 -7.85 -2.88 5.14
CA ALA A 73 -7.45 -2.06 6.27
C ALA A 73 -6.00 -1.62 6.08
N LEU A 74 -5.82 -0.32 5.87
CA LEU A 74 -4.50 0.26 5.65
C LEU A 74 -4.00 0.99 6.89
N ASP A 75 -2.75 0.71 7.24
CA ASP A 75 -2.11 1.34 8.39
C ASP A 75 -1.58 2.68 7.89
N VAL A 76 -2.03 3.76 8.53
CA VAL A 76 -1.62 5.12 8.15
C VAL A 76 -0.12 5.36 8.21
N THR A 77 0.53 4.83 9.24
CA THR A 77 1.97 5.02 9.44
C THR A 77 2.88 4.49 8.35
N ASN A 78 2.42 3.51 7.57
CA ASN A 78 3.27 2.93 6.52
C ASN A 78 2.52 2.39 5.31
N ALA A 79 1.22 2.64 5.24
CA ALA A 79 0.40 2.17 4.12
C ALA A 79 0.52 0.66 3.97
N TYR A 80 0.44 -0.05 5.09
CA TYR A 80 0.56 -1.50 5.12
C TYR A 80 -0.84 -2.11 5.24
N VAL A 81 -1.16 -3.06 4.37
CA VAL A 81 -2.45 -3.72 4.42
C VAL A 81 -2.39 -4.74 5.55
N VAL A 82 -3.07 -4.44 6.65
CA VAL A 82 -3.07 -5.34 7.80
C VAL A 82 -4.13 -6.44 7.72
N GLY A 83 -5.25 -6.15 7.09
CA GLY A 83 -6.32 -7.14 6.98
C GLY A 83 -7.45 -6.66 6.09
N TYR A 84 -8.54 -7.42 6.06
CA TYR A 84 -9.69 -7.06 5.23
C TYR A 84 -10.98 -7.70 5.74
N ARG A 85 -12.11 -7.19 5.26
CA ARG A 85 -13.41 -7.71 5.63
C ARG A 85 -14.14 -8.16 4.37
N ALA A 86 -14.87 -9.25 4.48
CA ALA A 86 -15.63 -9.79 3.36
C ALA A 86 -17.00 -10.24 3.88
N GLY A 87 -18.02 -9.42 3.63
CA GLY A 87 -19.36 -9.74 4.08
C GLY A 87 -19.49 -9.68 5.59
N ASN A 88 -19.27 -10.81 6.25
CA ASN A 88 -19.39 -10.89 7.70
C ASN A 88 -18.14 -11.44 8.37
N SER A 89 -17.13 -11.78 7.57
CA SER A 89 -15.88 -12.31 8.10
C SER A 89 -14.75 -11.28 7.97
N ALA A 90 -13.80 -11.33 8.90
CA ALA A 90 -12.67 -10.41 8.91
C ALA A 90 -11.40 -11.23 9.06
N TYR A 91 -10.39 -10.94 8.25
CA TYR A 91 -9.13 -11.66 8.30
C TYR A 91 -7.98 -10.68 8.43
N PHE A 92 -7.05 -10.99 9.32
CA PHE A 92 -5.89 -10.14 9.54
C PHE A 92 -4.63 -10.98 9.43
N PHE A 93 -3.53 -10.37 9.00
CA PHE A 93 -2.26 -11.07 8.88
C PHE A 93 -1.69 -11.19 10.29
N HIS A 94 -0.66 -12.02 10.46
CA HIS A 94 -0.04 -12.19 11.78
C HIS A 94 0.86 -10.97 12.04
N PRO A 95 0.57 -10.21 13.12
CA PRO A 95 1.35 -9.03 13.48
C PRO A 95 2.77 -9.37 13.92
N ASP A 96 3.65 -8.39 13.87
CA ASP A 96 5.04 -8.58 14.27
C ASP A 96 5.32 -8.25 15.74
N ASN A 97 4.36 -7.62 16.41
CA ASN A 97 4.52 -7.26 17.81
C ASN A 97 3.20 -7.01 18.53
N GLN A 98 3.29 -6.96 19.85
CA GLN A 98 2.13 -6.73 20.72
C GLN A 98 1.41 -5.42 20.41
N GLU A 99 2.17 -4.37 20.12
CA GLU A 99 1.60 -3.06 19.80
C GLU A 99 0.58 -3.15 18.67
N ASP A 100 1.01 -3.73 17.55
CA ASP A 100 0.14 -3.89 16.39
C ASP A 100 -1.02 -4.80 16.70
N ALA A 101 -0.76 -5.91 17.40
CA ALA A 101 -1.80 -6.85 17.77
C ALA A 101 -2.89 -6.14 18.56
N GLU A 102 -2.48 -5.26 19.46
CA GLU A 102 -3.39 -4.48 20.29
C GLU A 102 -4.23 -3.53 19.43
N ALA A 103 -3.62 -3.01 18.37
CA ALA A 103 -4.30 -2.09 17.46
C ALA A 103 -5.28 -2.81 16.54
N ILE A 104 -4.89 -3.99 16.06
CA ILE A 104 -5.71 -4.81 15.17
C ILE A 104 -7.09 -5.13 15.76
N THR A 105 -7.17 -5.31 17.07
CA THR A 105 -8.43 -5.63 17.72
C THR A 105 -9.51 -4.55 17.57
N HIS A 106 -9.16 -3.44 16.93
CA HIS A 106 -10.12 -2.35 16.75
C HIS A 106 -10.69 -2.32 15.33
N LEU A 107 -10.11 -3.09 14.43
CA LEU A 107 -10.57 -3.13 13.04
C LEU A 107 -11.74 -4.10 12.86
N PHE A 108 -12.75 -3.64 12.14
CA PHE A 108 -13.94 -4.44 11.85
C PHE A 108 -14.50 -5.14 13.08
N THR A 109 -14.70 -4.39 14.16
CA THR A 109 -15.22 -4.95 15.41
C THR A 109 -16.66 -5.46 15.35
N ASP A 110 -17.42 -5.03 14.33
CA ASP A 110 -18.81 -5.46 14.20
C ASP A 110 -18.99 -6.76 13.42
N VAL A 111 -17.90 -7.31 12.89
CA VAL A 111 -17.98 -8.56 12.13
C VAL A 111 -18.29 -9.72 13.08
N GLN A 112 -18.88 -10.78 12.55
CA GLN A 112 -19.20 -11.95 13.36
C GLN A 112 -18.03 -12.91 13.41
N ASN A 113 -17.31 -13.05 12.30
CA ASN A 113 -16.17 -13.95 12.25
C ASN A 113 -14.86 -13.19 12.16
N ARG A 114 -13.95 -13.46 13.09
CA ARG A 114 -12.64 -12.83 13.12
C ARG A 114 -11.58 -13.91 12.98
N TYR A 115 -10.59 -13.67 12.13
CA TYR A 115 -9.52 -14.64 11.91
C TYR A 115 -8.18 -13.93 11.79
N THR A 116 -7.13 -14.55 12.33
CA THR A 116 -5.78 -14.00 12.26
C THR A 116 -4.89 -15.07 11.64
N PHE A 117 -4.41 -14.81 10.44
CA PHE A 117 -3.55 -15.75 9.73
C PHE A 117 -2.27 -16.03 10.52
N ALA A 118 -1.77 -17.25 10.39
CA ALA A 118 -0.55 -17.65 11.08
C ALA A 118 0.64 -16.96 10.40
N PHE A 119 0.51 -16.73 9.10
CA PHE A 119 1.55 -16.08 8.32
C PHE A 119 1.39 -14.56 8.30
N GLY A 120 2.48 -13.87 7.96
CA GLY A 120 2.45 -12.43 7.89
C GLY A 120 2.14 -11.96 6.48
N GLY A 121 1.72 -10.70 6.35
CA GLY A 121 1.38 -10.16 5.05
C GLY A 121 2.53 -9.55 4.26
N ASN A 122 3.76 -9.75 4.72
CA ASN A 122 4.92 -9.20 4.03
C ASN A 122 5.24 -9.98 2.76
N TYR A 123 5.51 -9.23 1.69
CA TYR A 123 5.82 -9.79 0.37
C TYR A 123 6.51 -11.15 0.36
N ASP A 124 7.64 -11.27 1.04
CA ASP A 124 8.40 -12.51 1.09
C ASP A 124 7.53 -13.71 1.46
N ARG A 125 6.71 -13.56 2.50
CA ARG A 125 5.84 -14.64 2.94
C ARG A 125 4.78 -14.92 1.87
N LEU A 126 4.10 -13.86 1.43
CA LEU A 126 3.05 -13.98 0.42
C LEU A 126 3.51 -14.62 -0.88
N GLU A 127 4.72 -14.31 -1.32
CA GLU A 127 5.26 -14.87 -2.56
C GLU A 127 5.42 -16.39 -2.44
N GLN A 128 5.92 -16.83 -1.29
CA GLN A 128 6.10 -18.26 -1.04
C GLN A 128 4.75 -18.95 -1.12
N LEU A 129 3.75 -18.35 -0.48
CA LEU A 129 2.39 -18.88 -0.47
C LEU A 129 1.80 -18.95 -1.87
N ALA A 130 1.88 -17.85 -2.59
CA ALA A 130 1.34 -17.77 -3.95
C ALA A 130 2.14 -18.63 -4.92
N GLY A 131 3.34 -19.03 -4.52
CA GLY A 131 4.18 -19.84 -5.37
C GLY A 131 4.55 -19.09 -6.64
N ASN A 132 4.65 -17.77 -6.51
CA ASN A 132 4.97 -16.91 -7.64
C ASN A 132 5.53 -15.59 -7.15
N LEU A 133 6.63 -15.15 -7.76
CA LEU A 133 7.26 -13.88 -7.40
C LEU A 133 6.46 -12.75 -8.05
N ARG A 134 6.52 -11.57 -7.45
CA ARG A 134 5.80 -10.41 -7.95
C ARG A 134 6.03 -10.18 -9.43
N GLU A 135 7.27 -10.37 -9.87
CA GLU A 135 7.65 -10.18 -11.28
C GLU A 135 6.98 -11.15 -12.25
N ASN A 136 6.19 -12.08 -11.73
CA ASN A 136 5.48 -13.05 -12.58
C ASN A 136 3.98 -12.94 -12.36
N ILE A 137 3.58 -11.91 -11.63
CA ILE A 137 2.17 -11.67 -11.33
C ILE A 137 1.74 -10.41 -12.07
N GLU A 138 0.77 -10.56 -12.97
CA GLU A 138 0.29 -9.42 -13.76
C GLU A 138 -0.51 -8.43 -12.93
N LEU A 139 -0.43 -7.16 -13.33
CA LEU A 139 -1.15 -6.08 -12.65
C LEU A 139 -2.00 -5.34 -13.67
N GLY A 140 -3.09 -4.74 -13.20
CA GLY A 140 -3.98 -4.00 -14.06
C GLY A 140 -5.40 -4.10 -13.52
N ASN A 141 -6.34 -3.41 -14.14
CA ASN A 141 -7.74 -3.43 -13.69
C ASN A 141 -8.28 -4.86 -13.72
N GLY A 142 -7.84 -5.64 -14.71
CA GLY A 142 -8.28 -7.02 -14.82
C GLY A 142 -7.84 -7.83 -13.61
N PRO A 143 -6.52 -7.93 -13.36
CA PRO A 143 -6.01 -8.68 -12.22
C PRO A 143 -6.63 -8.20 -10.90
N LEU A 144 -6.83 -6.89 -10.77
CA LEU A 144 -7.44 -6.32 -9.57
C LEU A 144 -8.88 -6.79 -9.45
N GLU A 145 -9.57 -6.84 -10.59
CA GLU A 145 -10.96 -7.30 -10.64
C GLU A 145 -11.02 -8.72 -10.09
N GLU A 146 -10.07 -9.55 -10.52
CA GLU A 146 -9.98 -10.93 -10.10
C GLU A 146 -9.52 -11.04 -8.64
N ALA A 147 -8.62 -10.15 -8.24
CA ALA A 147 -8.10 -10.13 -6.88
C ALA A 147 -9.22 -9.96 -5.87
N ILE A 148 -10.02 -8.90 -6.06
CA ILE A 148 -11.15 -8.62 -5.17
C ILE A 148 -12.07 -9.82 -5.08
N SER A 149 -12.29 -10.49 -6.21
CA SER A 149 -13.15 -11.65 -6.27
C SER A 149 -12.63 -12.77 -5.37
N ALA A 150 -11.34 -13.07 -5.48
CA ALA A 150 -10.73 -14.13 -4.68
C ALA A 150 -10.86 -13.85 -3.18
N LEU A 151 -10.44 -12.65 -2.77
CA LEU A 151 -10.51 -12.25 -1.37
C LEU A 151 -11.92 -12.45 -0.81
N TYR A 152 -12.92 -12.06 -1.60
CA TYR A 152 -14.32 -12.20 -1.19
C TYR A 152 -14.71 -13.66 -1.02
N TYR A 153 -14.37 -14.50 -1.99
CA TYR A 153 -14.72 -15.91 -1.94
C TYR A 153 -13.93 -16.75 -0.93
N TYR A 154 -12.88 -16.16 -0.35
CA TYR A 154 -12.09 -16.86 0.65
C TYR A 154 -13.02 -17.22 1.80
N SER A 155 -13.96 -16.32 2.08
CA SER A 155 -14.93 -16.49 3.15
C SER A 155 -16.02 -17.53 2.82
N THR A 156 -16.03 -18.03 1.58
CA THR A 156 -17.04 -18.99 1.17
C THR A 156 -16.50 -20.24 0.47
N GLY A 157 -15.50 -20.89 1.07
CA GLY A 157 -14.96 -22.11 0.49
C GLY A 157 -13.96 -21.92 -0.65
N GLY A 158 -14.30 -21.08 -1.63
CA GLY A 158 -13.40 -20.84 -2.75
C GLY A 158 -12.19 -20.08 -2.23
N THR A 159 -11.30 -20.82 -1.56
CA THR A 159 -10.11 -20.26 -0.96
C THR A 159 -8.82 -20.38 -1.78
N GLN A 160 -8.14 -21.51 -1.65
CA GLN A 160 -6.87 -21.74 -2.34
C GLN A 160 -5.86 -20.68 -1.94
N LEU A 161 -5.14 -20.93 -0.85
CA LEU A 161 -4.12 -20.00 -0.34
C LEU A 161 -3.26 -19.32 -1.40
N PRO A 162 -2.71 -20.09 -2.37
CA PRO A 162 -1.89 -19.45 -3.39
C PRO A 162 -2.62 -18.29 -4.08
N THR A 163 -3.91 -18.48 -4.36
CA THR A 163 -4.72 -17.47 -5.00
C THR A 163 -4.94 -16.30 -4.04
N LEU A 164 -5.26 -16.62 -2.79
CA LEU A 164 -5.49 -15.62 -1.74
C LEU A 164 -4.28 -14.71 -1.59
N ALA A 165 -3.09 -15.32 -1.53
CA ALA A 165 -1.85 -14.58 -1.38
C ALA A 165 -1.58 -13.74 -2.63
N ARG A 166 -1.80 -14.35 -3.79
CA ARG A 166 -1.59 -13.66 -5.07
C ARG A 166 -2.46 -12.42 -5.14
N SER A 167 -3.73 -12.58 -4.77
CA SER A 167 -4.67 -11.47 -4.78
C SER A 167 -4.21 -10.34 -3.88
N PHE A 168 -3.72 -10.68 -2.69
CA PHE A 168 -3.23 -9.68 -1.76
C PHE A 168 -2.09 -8.88 -2.39
N ILE A 169 -1.12 -9.58 -2.95
CA ILE A 169 0.02 -8.94 -3.61
C ILE A 169 -0.44 -7.96 -4.68
N ILE A 170 -1.39 -8.40 -5.51
CA ILE A 170 -1.93 -7.56 -6.57
C ILE A 170 -2.53 -6.28 -6.00
N CYS A 171 -3.41 -6.42 -5.02
CA CYS A 171 -4.07 -5.29 -4.38
C CYS A 171 -3.08 -4.35 -3.70
N ILE A 172 -2.08 -4.92 -3.05
CA ILE A 172 -1.07 -4.13 -2.34
C ILE A 172 -0.35 -3.15 -3.27
N GLN A 173 0.22 -3.68 -4.34
CA GLN A 173 0.95 -2.89 -5.31
C GLN A 173 0.09 -1.80 -5.96
N MET A 174 -1.11 -2.19 -6.37
CA MET A 174 -2.03 -1.25 -7.02
C MET A 174 -2.68 -0.22 -6.08
N ILE A 175 -2.43 -0.34 -4.79
CA ILE A 175 -3.00 0.60 -3.83
C ILE A 175 -1.93 1.24 -2.96
N SER A 176 -1.37 0.46 -2.03
CA SER A 176 -0.34 0.94 -1.12
C SER A 176 0.88 1.50 -1.85
N GLU A 177 1.46 0.68 -2.72
CA GLU A 177 2.64 1.08 -3.47
C GLU A 177 2.34 2.25 -4.41
N ALA A 178 1.13 2.27 -4.96
CA ALA A 178 0.70 3.33 -5.87
C ALA A 178 0.65 4.68 -5.16
N ALA A 179 0.17 4.66 -3.92
CA ALA A 179 0.07 5.87 -3.12
C ALA A 179 1.47 6.33 -2.69
N ARG A 180 2.31 5.36 -2.38
CA ARG A 180 3.67 5.63 -1.96
C ARG A 180 4.49 6.28 -3.05
N PHE A 181 4.40 5.74 -4.27
CA PHE A 181 5.15 6.26 -5.40
C PHE A 181 4.29 6.73 -6.56
N GLN A 182 4.48 7.99 -6.94
CA GLN A 182 3.76 8.60 -8.06
C GLN A 182 4.12 7.81 -9.32
N TYR A 183 5.33 7.28 -9.33
CA TYR A 183 5.84 6.48 -10.44
C TYR A 183 5.00 5.22 -10.63
N ILE A 184 4.78 4.49 -9.53
CA ILE A 184 4.00 3.25 -9.60
C ILE A 184 2.57 3.55 -10.04
N GLU A 185 2.03 4.67 -9.55
CA GLU A 185 0.68 5.09 -9.92
C GLU A 185 0.63 5.19 -11.45
N GLY A 186 1.66 5.79 -12.02
CA GLY A 186 1.74 5.94 -13.46
C GLY A 186 1.72 4.61 -14.19
N GLU A 187 2.47 3.65 -13.68
CA GLU A 187 2.53 2.31 -14.29
C GLU A 187 1.15 1.69 -14.38
N MET A 188 0.40 1.75 -13.28
CA MET A 188 -0.94 1.20 -13.24
C MET A 188 -1.85 1.96 -14.21
N ARG A 189 -1.70 3.27 -14.26
CA ARG A 189 -2.49 4.11 -15.15
C ARG A 189 -2.28 3.73 -16.61
N THR A 190 -1.03 3.60 -17.02
CA THR A 190 -0.70 3.22 -18.39
C THR A 190 -1.41 1.91 -18.71
N ARG A 191 -1.40 0.99 -17.75
CA ARG A 191 -2.06 -0.30 -17.91
C ARG A 191 -3.56 -0.13 -18.09
N ILE A 192 -4.16 0.77 -17.32
CA ILE A 192 -5.61 1.01 -17.42
C ILE A 192 -5.99 1.66 -18.75
N ARG A 193 -5.28 2.73 -19.10
CA ARG A 193 -5.53 3.46 -20.35
C ARG A 193 -5.65 2.55 -21.57
N TYR A 194 -4.72 1.61 -21.68
CA TYR A 194 -4.70 0.68 -22.81
C TYR A 194 -5.33 -0.68 -22.50
N ASN A 195 -5.96 -0.79 -21.33
CA ASN A 195 -6.60 -2.03 -20.89
C ASN A 195 -5.59 -3.18 -21.02
N ARG A 196 -4.56 -3.10 -20.19
CA ARG A 196 -3.47 -4.06 -20.20
C ARG A 196 -3.29 -4.70 -18.83
N ARG A 197 -2.63 -5.85 -18.82
CA ARG A 197 -2.32 -6.59 -17.61
C ARG A 197 -0.91 -7.12 -17.80
N SER A 198 0.03 -6.59 -17.02
CA SER A 198 1.42 -7.00 -17.13
C SER A 198 2.13 -7.01 -15.78
N ALA A 199 3.15 -7.85 -15.68
CA ALA A 199 3.93 -7.97 -14.45
C ALA A 199 4.85 -6.76 -14.29
N PRO A 200 5.08 -6.34 -13.03
CA PRO A 200 5.95 -5.19 -12.74
C PRO A 200 7.41 -5.46 -13.08
N ASP A 201 8.01 -4.57 -13.87
CA ASP A 201 9.40 -4.68 -14.27
C ASP A 201 10.33 -4.27 -13.12
N PRO A 202 11.64 -4.58 -13.23
CA PRO A 202 12.65 -4.25 -12.21
C PRO A 202 12.63 -2.86 -11.59
N SER A 203 12.41 -1.82 -12.40
CA SER A 203 12.39 -0.46 -11.88
C SER A 203 11.31 -0.32 -10.80
N VAL A 204 10.17 -0.95 -11.04
CA VAL A 204 9.04 -0.91 -10.11
C VAL A 204 9.38 -1.72 -8.87
N ILE A 205 9.83 -2.95 -9.07
CA ILE A 205 10.20 -3.84 -7.97
C ILE A 205 11.21 -3.21 -7.01
N THR A 206 12.30 -2.68 -7.55
CA THR A 206 13.33 -2.06 -6.73
C THR A 206 12.78 -0.92 -5.87
N LEU A 207 11.91 -0.08 -6.45
CA LEU A 207 11.32 1.02 -5.70
C LEU A 207 10.58 0.50 -4.47
N GLU A 208 9.80 -0.57 -4.66
CA GLU A 208 9.05 -1.18 -3.58
C GLU A 208 10.00 -1.70 -2.51
N ASN A 209 11.09 -2.31 -2.96
CA ASN A 209 12.09 -2.86 -2.04
C ASN A 209 12.97 -1.80 -1.40
N SER A 210 12.89 -0.56 -1.88
CA SER A 210 13.71 0.51 -1.34
C SER A 210 12.96 1.66 -0.67
N TRP A 211 11.64 1.56 -0.57
CA TRP A 211 10.82 2.61 0.04
C TRP A 211 11.39 3.11 1.38
N GLY A 212 11.54 2.19 2.33
CA GLY A 212 12.06 2.56 3.64
C GLY A 212 13.45 3.17 3.58
N ARG A 213 14.31 2.60 2.74
CA ARG A 213 15.68 3.07 2.57
C ARG A 213 15.69 4.52 2.09
N LEU A 214 14.90 4.78 1.05
CA LEU A 214 14.81 6.13 0.49
C LEU A 214 14.32 7.10 1.55
N SER A 215 13.27 6.70 2.26
CA SER A 215 12.71 7.54 3.32
C SER A 215 13.78 7.95 4.32
N THR A 216 14.59 6.99 4.76
CA THR A 216 15.67 7.25 5.71
C THR A 216 16.66 8.25 5.13
N ALA A 217 17.20 7.93 3.96
CA ALA A 217 18.17 8.78 3.28
C ALA A 217 17.69 10.21 3.07
N ILE A 218 16.44 10.37 2.65
CA ILE A 218 15.88 11.69 2.41
C ILE A 218 15.79 12.49 3.72
N GLN A 219 15.43 11.82 4.80
CA GLN A 219 15.32 12.47 6.09
C GLN A 219 16.66 12.72 6.77
N GLU A 220 17.68 11.98 6.37
CA GLU A 220 19.02 12.15 6.92
C GLU A 220 19.96 12.75 5.89
N SER A 221 19.39 13.25 4.78
CA SER A 221 20.18 13.85 3.72
C SER A 221 20.69 15.22 4.11
N ASN A 222 21.97 15.49 3.85
CA ASN A 222 22.54 16.78 4.17
C ASN A 222 21.96 17.86 3.26
N GLN A 223 20.85 18.44 3.71
CA GLN A 223 20.14 19.49 2.98
C GLN A 223 19.68 19.10 1.58
N GLY A 224 19.65 17.80 1.29
CA GLY A 224 19.21 17.36 -0.03
C GLY A 224 20.09 16.30 -0.64
N ALA A 225 21.40 16.41 -0.42
CA ALA A 225 22.34 15.42 -0.94
C ALA A 225 22.37 14.21 -0.03
N PHE A 226 22.32 13.02 -0.63
CA PHE A 226 22.35 11.78 0.12
C PHE A 226 23.74 11.52 0.70
N ALA A 227 23.78 11.10 1.96
CA ALA A 227 25.03 10.82 2.64
C ALA A 227 25.79 9.71 1.90
N SER A 228 25.07 8.93 1.10
CA SER A 228 25.67 7.85 0.34
C SER A 228 24.74 7.55 -0.84
N PRO A 229 25.32 7.33 -2.04
CA PRO A 229 24.57 7.03 -3.27
C PRO A 229 23.71 5.77 -3.16
N ILE A 230 22.40 5.95 -3.38
CA ILE A 230 21.47 4.83 -3.33
C ILE A 230 21.28 4.28 -4.73
N GLN A 231 21.67 3.03 -4.93
CA GLN A 231 21.51 2.40 -6.23
C GLN A 231 20.06 2.01 -6.47
N LEU A 232 19.61 2.13 -7.71
CA LEU A 232 18.25 1.80 -8.09
C LEU A 232 18.30 1.05 -9.42
N GLN A 233 17.18 0.47 -9.82
CA GLN A 233 17.12 -0.27 -11.08
C GLN A 233 16.27 0.41 -12.13
N ARG A 234 16.67 0.25 -13.39
CA ARG A 234 15.93 0.81 -14.51
C ARG A 234 14.96 -0.25 -15.00
N ARG A 235 14.16 0.11 -16.01
CA ARG A 235 13.18 -0.80 -16.59
C ARG A 235 13.82 -2.06 -17.16
N ASN A 236 15.05 -1.92 -17.64
CA ASN A 236 15.79 -3.04 -18.24
C ASN A 236 16.62 -3.81 -17.22
N GLY A 237 16.51 -3.44 -15.94
CA GLY A 237 17.27 -4.13 -14.91
C GLY A 237 18.63 -3.51 -14.63
N SER A 238 19.05 -2.56 -15.45
CA SER A 238 20.34 -1.89 -15.25
C SER A 238 20.31 -1.10 -13.95
N LYS A 239 21.49 -0.84 -13.39
CA LYS A 239 21.57 -0.12 -12.13
C LYS A 239 22.19 1.26 -12.30
N PHE A 240 21.72 2.20 -11.49
CA PHE A 240 22.23 3.58 -11.49
C PHE A 240 22.11 4.11 -10.06
N SER A 241 22.93 5.10 -9.73
CA SER A 241 22.92 5.66 -8.39
C SER A 241 22.31 7.05 -8.29
N VAL A 242 21.54 7.26 -7.23
CA VAL A 242 20.89 8.54 -6.97
C VAL A 242 21.73 9.23 -5.89
N TYR A 243 22.15 10.45 -6.16
CA TYR A 243 22.97 11.21 -5.22
C TYR A 243 22.21 12.35 -4.55
N ASP A 244 21.12 12.80 -5.17
CA ASP A 244 20.35 13.90 -4.61
C ASP A 244 18.85 13.61 -4.61
N VAL A 245 18.14 14.23 -3.66
CA VAL A 245 16.71 14.06 -3.50
C VAL A 245 15.89 14.63 -4.67
N SER A 246 16.43 15.66 -5.32
CA SER A 246 15.76 16.30 -6.45
C SER A 246 15.24 15.31 -7.49
N ILE A 247 16.09 14.38 -7.89
CA ILE A 247 15.72 13.37 -8.88
C ILE A 247 14.49 12.57 -8.43
N LEU A 248 14.41 12.29 -7.13
CA LEU A 248 13.31 11.51 -6.58
C LEU A 248 12.01 12.26 -6.30
N ILE A 249 12.05 13.60 -6.34
CA ILE A 249 10.85 14.40 -6.06
C ILE A 249 9.61 14.00 -6.86
N PRO A 250 9.72 13.94 -8.21
CA PRO A 250 8.54 13.56 -9.00
C PRO A 250 8.29 12.05 -9.02
N ILE A 251 9.08 11.30 -8.25
CA ILE A 251 8.94 9.85 -8.18
C ILE A 251 8.23 9.38 -6.91
N ILE A 252 8.87 9.59 -5.77
CA ILE A 252 8.29 9.19 -4.49
C ILE A 252 7.31 10.23 -3.96
N ALA A 253 6.16 9.76 -3.48
CA ALA A 253 5.12 10.64 -2.97
C ALA A 253 5.08 10.67 -1.44
N LEU A 254 5.12 9.49 -0.83
CA LEU A 254 5.06 9.37 0.63
C LEU A 254 6.33 8.74 1.18
N MET A 255 6.66 9.08 2.41
CA MET A 255 7.83 8.52 3.10
C MET A 255 7.43 8.08 4.50
N VAL A 256 8.05 7.02 4.98
CA VAL A 256 7.77 6.53 6.32
C VAL A 256 8.60 7.34 7.31
N TYR A 257 7.97 7.72 8.43
CA TYR A 257 8.65 8.51 9.44
C TYR A 257 9.91 7.84 9.96
N ARG A 258 11.00 8.60 9.96
CA ARG A 258 12.29 8.10 10.44
C ARG A 258 12.83 9.04 11.51
N CYS A 259 13.54 10.08 11.08
CA CYS A 259 14.12 11.03 12.01
C CYS A 259 13.05 12.01 12.46
N ALA A 260 13.22 12.56 13.66
CA ALA A 260 12.28 13.52 14.21
C ALA A 260 12.31 14.75 13.32
N PRO A 261 11.15 15.37 13.05
CA PRO A 261 11.14 16.56 12.20
C PRO A 261 12.09 17.57 12.83
N PRO A 262 13.23 17.84 12.18
CA PRO A 262 14.33 18.75 12.55
C PRO A 262 13.85 20.09 13.13
N PRO A 263 14.49 21.22 12.77
CA PRO A 263 13.87 22.39 13.41
C PRO A 263 12.55 22.73 12.71
N SER A 264 11.52 21.90 12.92
CA SER A 264 10.20 22.02 12.32
C SER A 264 9.95 23.29 11.49
N SER A 265 10.51 23.28 10.28
CA SER A 265 10.42 24.41 9.37
C SER A 265 9.23 24.41 8.41
N GLN A 266 8.03 24.66 8.95
CA GLN A 266 6.84 24.72 8.10
C GLN A 266 6.06 26.01 8.31
N PHE A 267 5.80 26.70 7.21
CA PHE A 267 5.08 27.97 7.20
C PHE A 267 4.69 28.35 5.77
N9 7DG B . 2.11 -2.37 1.68
C8 7DG B . 3.26 -2.09 1.04
C7 7DG B . 4.11 -3.20 1.08
C5 7DG B . 3.41 -4.19 1.78
C6 7DG B . 3.69 -5.50 2.16
O6 7DG B . 4.73 -6.06 1.91
N1 7DG B . 2.72 -6.18 2.84
C2 7DG B . 1.54 -5.61 3.16
N2 7DG B . 0.59 -6.28 3.84
N3 7DG B . 1.24 -4.34 2.82
C4 7DG B . 2.18 -3.64 2.13
#